data_6FRV
#
_entry.id   6FRV
#
_cell.length_a   56.369
_cell.length_b   73.125
_cell.length_c   102.880
_cell.angle_alpha   90.000
_cell.angle_beta   90.000
_cell.angle_gamma   90.000
#
_symmetry.space_group_name_H-M   'P 21 21 21'
#
loop_
_entity.id
_entity.type
_entity.pdbx_description
1 polymer Glucoamylase
2 branched 2-acetamido-2-deoxy-beta-D-glucopyranose-(1-4)-2-acetamido-2-deoxy-beta-D-glucopyranose
3 non-polymer 2-acetamido-2-deoxy-beta-D-glucopyranose
4 non-polymer alpha-D-mannopyranose
5 water water
#
_entity_poly.entity_id   1
_entity_poly.type   'polypeptide(L)'
_entity_poly.pdbx_seq_one_letter_code
;ATLDSWLSNEATVARTAILNNIGADGAWVSGADSGIVVASPSTDNPDYFYTWTRDSGLVLKTLVDLFRNGDTSLLSTIEN
YISAQAIVQGISNPSGDLSSGAGLGEPKFNVDETAYTGSWGRPQRDGPALRATAMIGFGQWLLDNGYTSTATDIVWPLVR
NDLSYVAQYWNQTGYDLWEEVNGSSFFTIAVQHRALVEGSAFATAVGSSCSWCDSQAPEILCYLQSFWTGSFILANFDSS
RSGKDANTLLGSIHTFDPEAACDDSTFQPCSPRALANHKEVVDSFRSIYTLNDGLSDSEAVAVGRYPEDTYYNGNPWFLC
TLAAAEQLYDALYQWDKQGSLEVTDVSLDFFKALYSDAATGTYSSSSSTYSSIVDAVKTFADGFVSIVETHAASNGSMSE
QYDKSDGEQLSARDLTWSYAALLTANNRRNSVVPASWGETSASSVPGTCAATSAIGTYSSVTVTSWPSIVATGGTTTTAT
PTGSGSVTSTSKTTATASKTSTSTSSTSCTTPTAVAVTFDLTATTTYGENIYLVGSISQLGDWETSDGIALSADKYTSSD
PLWYVTVTLPAGESFEYKFIRIESDDSVEWESDPNREYTVPQACGTSTATVTDTWR
;
_entity_poly.pdbx_strand_id   A
#
loop_
_chem_comp.id
_chem_comp.type
_chem_comp.name
_chem_comp.formula
MAN D-saccharide, alpha linking alpha-D-mannopyranose 'C6 H12 O6'
NAG D-saccharide, beta linking 2-acetamido-2-deoxy-beta-D-glucopyranose 'C8 H15 N O6'
#
# COMPACT_ATOMS: atom_id res chain seq x y z
N ALA A 1 1.81 21.35 -15.03
CA ALA A 1 2.87 22.08 -15.79
C ALA A 1 4.28 21.80 -15.26
N THR A 2 4.45 21.95 -13.94
CA THR A 2 5.77 21.97 -13.28
C THR A 2 6.54 20.63 -13.18
N LEU A 3 5.87 19.50 -13.43
CA LEU A 3 6.53 18.17 -13.40
C LEU A 3 6.02 17.10 -14.40
N ASP A 4 5.17 17.49 -15.35
CA ASP A 4 4.49 16.54 -16.23
C ASP A 4 5.48 15.93 -17.20
N SER A 5 6.32 16.82 -17.73
CA SER A 5 7.45 16.46 -18.59
C SER A 5 8.21 15.27 -18.01
N TRP A 6 8.61 15.39 -16.74
CA TRP A 6 9.39 14.35 -16.08
C TRP A 6 8.56 13.15 -15.65
N LEU A 7 7.39 13.41 -15.06
CA LEU A 7 6.52 12.34 -14.55
C LEU A 7 6.26 11.25 -15.59
N SER A 8 5.64 11.63 -16.70
CA SER A 8 5.27 10.69 -17.77
C SER A 8 6.48 9.94 -18.36
N ASN A 9 7.63 10.61 -18.41
CA ASN A 9 8.87 9.97 -18.90
C ASN A 9 9.48 9.06 -17.83
N GLU A 10 9.35 9.45 -16.57
CA GLU A 10 9.78 8.61 -15.44
C GLU A 10 8.89 7.37 -15.31
N ALA A 11 7.58 7.56 -15.47
CA ALA A 11 6.60 6.49 -15.39
C ALA A 11 6.88 5.36 -16.39
N THR A 12 7.39 5.71 -17.56
CA THR A 12 7.86 4.74 -18.57
C THR A 12 9.03 3.90 -18.02
N VAL A 13 10.02 4.55 -17.41
CA VAL A 13 11.19 3.84 -16.85
C VAL A 13 10.77 3.00 -15.64
N ALA A 14 9.75 3.45 -14.91
CA ALA A 14 9.23 2.73 -13.76
C ALA A 14 8.69 1.37 -14.16
N ARG A 15 7.89 1.34 -15.23
CA ARG A 15 7.25 0.14 -15.71
C ARG A 15 8.32 -0.90 -16.02
N THR A 16 9.29 -0.51 -16.86
CA THR A 16 10.38 -1.41 -17.26
C THR A 16 11.29 -1.76 -16.08
N ALA A 17 11.50 -0.83 -15.16
CA ALA A 17 12.29 -1.11 -13.94
C ALA A 17 11.72 -2.26 -13.11
N ILE A 18 10.40 -2.27 -12.93
CA ILE A 18 9.73 -3.36 -12.24
C ILE A 18 9.95 -4.70 -12.94
N LEU A 19 9.80 -4.73 -14.27
CA LEU A 19 9.98 -5.95 -15.06
C LEU A 19 11.41 -6.50 -15.05
N ASN A 20 12.41 -5.61 -14.99
CA ASN A 20 13.82 -6.01 -14.76
C ASN A 20 14.02 -6.61 -13.38
N ASN A 21 13.12 -6.30 -12.43
CA ASN A 21 13.16 -6.87 -11.08
C ASN A 21 12.28 -8.10 -10.88
N ILE A 22 11.77 -8.68 -11.97
CA ILE A 22 10.95 -9.89 -11.85
C ILE A 22 11.53 -10.94 -12.76
N GLY A 23 12.03 -12.02 -12.18
CA GLY A 23 12.46 -13.15 -12.95
C GLY A 23 11.29 -13.89 -13.59
N ALA A 24 11.56 -14.82 -14.51
CA ALA A 24 12.90 -15.35 -14.73
C ALA A 24 13.73 -14.49 -15.66
N ASP A 25 13.08 -13.59 -16.39
CA ASP A 25 13.70 -12.90 -17.51
C ASP A 25 13.81 -11.38 -17.31
N GLY A 26 14.08 -10.98 -16.07
CA GLY A 26 14.31 -9.58 -15.72
C GLY A 26 15.80 -9.29 -15.80
N ALA A 27 16.16 -8.24 -16.53
CA ALA A 27 17.57 -7.83 -16.74
C ALA A 27 18.49 -7.85 -15.49
N TRP A 28 17.98 -7.38 -14.35
CA TRP A 28 18.79 -7.17 -13.13
C TRP A 28 18.69 -8.28 -12.07
N VAL A 29 18.00 -9.38 -12.38
CA VAL A 29 17.65 -10.39 -11.37
C VAL A 29 17.81 -11.81 -11.91
N SER A 30 18.96 -12.06 -12.54
CA SER A 30 19.30 -13.41 -12.99
C SER A 30 19.49 -14.31 -11.76
N GLY A 31 18.89 -15.50 -11.82
CA GLY A 31 18.78 -16.39 -10.66
C GLY A 31 17.41 -16.40 -10.00
N ALA A 32 16.58 -15.38 -10.24
CA ALA A 32 15.21 -15.38 -9.73
C ALA A 32 14.33 -16.26 -10.61
N ASP A 33 13.29 -16.84 -10.00
CA ASP A 33 12.34 -17.69 -10.73
C ASP A 33 11.29 -16.84 -11.45
N SER A 34 10.63 -17.46 -12.43
CA SER A 34 9.44 -16.90 -13.07
C SER A 34 8.44 -16.42 -12.02
N GLY A 35 8.11 -15.14 -12.08
CA GLY A 35 7.08 -14.57 -11.20
C GLY A 35 7.47 -14.36 -9.75
N ILE A 36 8.78 -14.24 -9.50
CA ILE A 36 9.30 -13.85 -8.19
C ILE A 36 9.70 -12.37 -8.32
N VAL A 37 9.07 -11.50 -7.53
CA VAL A 37 9.40 -10.05 -7.51
C VAL A 37 10.48 -9.79 -6.45
N VAL A 38 11.73 -9.71 -6.92
CA VAL A 38 12.86 -9.37 -6.08
C VAL A 38 12.70 -7.91 -5.63
N ALA A 39 12.89 -7.65 -4.33
CA ALA A 39 12.64 -6.32 -3.76
C ALA A 39 13.62 -5.29 -4.29
N SER A 40 14.89 -5.69 -4.42
CA SER A 40 15.91 -4.89 -5.10
C SER A 40 17.05 -5.78 -5.60
N PRO A 41 17.66 -5.44 -6.75
CA PRO A 41 18.76 -6.27 -7.28
C PRO A 41 20.02 -6.31 -6.38
N SER A 42 20.25 -5.26 -5.59
CA SER A 42 21.40 -5.16 -4.65
C SER A 42 21.58 -6.39 -3.76
N THR A 43 22.77 -7.00 -3.83
CA THR A 43 23.07 -8.29 -3.18
C THR A 43 23.94 -8.17 -1.93
N ASP A 44 24.31 -6.93 -1.59
CA ASP A 44 25.02 -6.62 -0.36
C ASP A 44 25.05 -5.11 -0.23
N ASN A 45 25.32 -4.61 0.97
CA ASN A 45 25.26 -3.17 1.28
C ASN A 45 24.18 -2.43 0.47
N PRO A 46 22.89 -2.78 0.63
CA PRO A 46 22.39 -3.87 1.46
C PRO A 46 21.97 -5.08 0.61
N ASP A 47 21.96 -6.27 1.21
CA ASP A 47 21.50 -7.47 0.50
C ASP A 47 19.96 -7.49 0.52
N TYR A 48 19.36 -6.92 -0.53
CA TYR A 48 17.90 -6.99 -0.71
C TYR A 48 17.48 -8.04 -1.76
N PHE A 49 18.35 -9.00 -2.08
CA PHE A 49 18.09 -9.97 -3.15
C PHE A 49 17.22 -11.12 -2.65
N TYR A 50 15.98 -10.79 -2.33
CA TYR A 50 15.04 -11.72 -1.75
C TYR A 50 13.66 -11.33 -2.31
N THR A 51 12.61 -12.01 -1.88
CA THR A 51 11.28 -11.70 -2.36
C THR A 51 10.33 -11.64 -1.18
N TRP A 52 9.91 -10.41 -0.88
CA TRP A 52 8.99 -10.07 0.21
C TRP A 52 7.60 -10.18 -0.33
N THR A 53 6.73 -10.86 0.39
CA THR A 53 5.33 -10.95 0.01
C THR A 53 4.68 -9.57 -0.03
N ARG A 54 4.91 -8.77 0.98
CA ARG A 54 4.41 -7.38 0.99
C ARG A 54 4.81 -6.63 -0.26
N ASP A 55 6.12 -6.56 -0.49
CA ASP A 55 6.69 -5.84 -1.63
C ASP A 55 6.17 -6.37 -2.94
N SER A 56 6.20 -7.70 -3.08
CA SER A 56 5.59 -8.38 -4.23
C SER A 56 4.12 -7.98 -4.41
N GLY A 57 3.35 -7.98 -3.32
CA GLY A 57 1.91 -7.68 -3.37
C GLY A 57 1.57 -6.26 -3.76
N LEU A 58 2.24 -5.28 -3.16
CA LEU A 58 1.98 -3.85 -3.48
C LEU A 58 2.31 -3.49 -4.93
N VAL A 59 3.38 -4.10 -5.44
CA VAL A 59 3.82 -3.94 -6.83
C VAL A 59 2.82 -4.58 -7.83
N LEU A 60 2.49 -5.85 -7.60
CA LEU A 60 1.47 -6.55 -8.42
C LEU A 60 0.08 -5.91 -8.42
N LYS A 61 -0.33 -5.31 -7.30
CA LYS A 61 -1.57 -4.53 -7.34
C LYS A 61 -1.41 -3.45 -8.39
N THR A 62 -0.30 -2.73 -8.34
CA THR A 62 -0.01 -1.67 -9.33
C THR A 62 -0.02 -2.18 -10.76
N LEU A 63 0.57 -3.36 -10.98
CA LEU A 63 0.58 -4.01 -12.29
C LEU A 63 -0.79 -4.50 -12.71
N VAL A 64 -1.58 -4.99 -11.77
CA VAL A 64 -2.97 -5.37 -12.06
C VAL A 64 -3.78 -4.14 -12.47
N ASP A 65 -3.63 -3.03 -11.74
CA ASP A 65 -4.28 -1.75 -12.06
C ASP A 65 -4.03 -1.33 -13.50
N LEU A 66 -2.75 -1.25 -13.85
CA LEU A 66 -2.29 -0.91 -15.21
C LEU A 66 -2.85 -1.87 -16.25
N PHE A 67 -2.72 -3.17 -15.99
CA PHE A 67 -3.24 -4.21 -16.87
C PHE A 67 -4.71 -3.99 -17.22
N ARG A 68 -5.53 -3.70 -16.20
CA ARG A 68 -6.98 -3.49 -16.36
C ARG A 68 -7.34 -2.16 -17.05
N ASN A 69 -6.58 -1.09 -16.76
CA ASN A 69 -6.65 0.18 -17.54
C ASN A 69 -6.09 0.08 -19.01
N GLY A 70 -5.79 -1.11 -19.51
CA GLY A 70 -5.54 -1.34 -20.94
C GLY A 70 -4.15 -1.86 -21.31
N ASP A 71 -3.21 -1.88 -20.36
CA ASP A 71 -1.88 -2.46 -20.55
C ASP A 71 -1.98 -4.01 -20.49
N THR A 72 -2.54 -4.61 -21.52
CA THR A 72 -2.79 -6.05 -21.53
C THR A 72 -1.54 -6.89 -21.72
N SER A 73 -0.46 -6.24 -22.18
CA SER A 73 0.84 -6.89 -22.38
C SER A 73 1.44 -7.45 -21.08
N LEU A 74 1.02 -6.93 -19.93
CA LEU A 74 1.37 -7.49 -18.62
C LEU A 74 0.78 -8.89 -18.27
N LEU A 75 -0.07 -9.47 -19.11
CA LEU A 75 -0.76 -10.75 -18.82
C LEU A 75 0.16 -11.88 -18.30
N SER A 76 1.25 -12.14 -19.01
CA SER A 76 2.17 -13.22 -18.63
C SER A 76 2.92 -12.92 -17.34
N THR A 77 3.38 -11.68 -17.14
CA THR A 77 4.06 -11.29 -15.90
C THR A 77 3.14 -11.47 -14.70
N ILE A 78 1.88 -11.07 -14.85
CA ILE A 78 0.89 -11.23 -13.76
C ILE A 78 0.59 -12.71 -13.50
N GLU A 79 0.23 -13.43 -14.56
CA GLU A 79 0.06 -14.88 -14.49
C GLU A 79 1.20 -15.55 -13.76
N ASN A 80 2.41 -15.37 -14.30
CA ASN A 80 3.64 -15.94 -13.74
C ASN A 80 3.74 -15.80 -12.22
N TYR A 81 3.36 -14.62 -11.71
CA TYR A 81 3.26 -14.39 -10.26
C TYR A 81 2.20 -15.26 -9.58
N ILE A 82 1.10 -15.55 -10.27
CA ILE A 82 0.09 -16.45 -9.68
C ILE A 82 0.66 -17.86 -9.48
N SER A 83 1.31 -18.39 -10.52
CA SER A 83 1.94 -19.73 -10.45
C SER A 83 3.07 -19.77 -9.45
N ALA A 84 3.72 -18.62 -9.24
CA ALA A 84 4.80 -18.49 -8.28
C ALA A 84 4.23 -18.65 -6.87
N GLN A 85 3.18 -17.88 -6.58
CA GLN A 85 2.54 -17.92 -5.27
C GLN A 85 2.01 -19.31 -4.91
N ALA A 86 1.49 -20.04 -5.90
CA ALA A 86 1.11 -21.45 -5.70
C ALA A 86 2.22 -22.22 -5.00
N ILE A 87 3.43 -22.17 -5.57
CA ILE A 87 4.62 -22.82 -5.01
C ILE A 87 5.01 -22.15 -3.68
N VAL A 88 5.02 -20.82 -3.64
CA VAL A 88 5.43 -20.07 -2.44
C VAL A 88 4.55 -20.32 -1.22
N GLN A 89 3.22 -20.29 -1.39
CA GLN A 89 2.30 -20.51 -0.26
C GLN A 89 2.57 -21.83 0.46
N GLY A 90 3.01 -22.84 -0.29
CA GLY A 90 3.38 -24.16 0.26
C GLY A 90 4.78 -24.35 0.83
N ILE A 91 5.65 -23.33 0.77
CA ILE A 91 6.99 -23.40 1.33
C ILE A 91 6.92 -23.31 2.85
N SER A 92 7.15 -24.45 3.51
CA SER A 92 7.25 -24.47 4.98
C SER A 92 8.49 -23.70 5.43
N ASN A 93 8.33 -22.97 6.53
CA ASN A 93 9.29 -21.94 6.94
C ASN A 93 9.24 -21.71 8.45
N PRO A 94 10.22 -20.95 8.99
CA PRO A 94 10.24 -20.58 10.41
C PRO A 94 8.91 -20.11 11.04
N SER A 95 8.08 -19.41 10.26
CA SER A 95 6.75 -19.00 10.70
C SER A 95 5.71 -20.16 10.71
N GLY A 96 5.85 -21.15 9.81
CA GLY A 96 5.00 -22.37 9.83
C GLY A 96 4.93 -23.17 8.53
N ASP A 97 3.87 -23.97 8.40
CA ASP A 97 3.53 -24.71 7.16
C ASP A 97 2.22 -24.16 6.57
N LEU A 98 1.92 -24.56 5.34
CA LEU A 98 0.68 -24.17 4.65
C LEU A 98 -0.56 -24.78 5.31
N SER A 99 -0.49 -26.07 5.63
CA SER A 99 -1.58 -26.75 6.34
C SER A 99 -1.83 -26.18 7.75
N SER A 100 -0.78 -25.63 8.37
CA SER A 100 -0.89 -24.91 9.64
C SER A 100 -1.75 -23.66 9.51
N GLY A 101 -1.48 -22.91 8.45
CA GLY A 101 -2.06 -21.58 8.27
C GLY A 101 -1.02 -20.52 8.57
N ALA A 102 -0.41 -20.60 9.74
CA ALA A 102 0.74 -19.75 10.07
C ALA A 102 1.81 -19.96 9.01
N GLY A 103 2.61 -18.93 8.75
CA GLY A 103 3.66 -19.07 7.74
C GLY A 103 3.31 -18.53 6.36
N LEU A 104 2.03 -18.21 6.15
CA LEU A 104 1.65 -17.23 5.14
C LEU A 104 1.97 -15.84 5.71
N GLY A 105 2.19 -15.76 7.02
CA GLY A 105 2.83 -14.59 7.65
C GLY A 105 4.34 -14.45 7.44
N GLU A 106 4.99 -15.43 6.80
CA GLU A 106 6.46 -15.39 6.53
C GLU A 106 6.82 -14.15 5.73
N PRO A 107 7.56 -13.20 6.34
CA PRO A 107 7.87 -11.95 5.65
C PRO A 107 8.55 -12.12 4.29
N LYS A 108 9.53 -13.01 4.20
CA LYS A 108 10.30 -13.14 2.97
C LYS A 108 10.83 -14.53 2.68
N PHE A 109 11.19 -14.75 1.42
CA PHE A 109 11.77 -16.00 0.95
C PHE A 109 12.97 -15.68 0.07
N ASN A 110 13.71 -16.72 -0.33
CA ASN A 110 14.77 -16.54 -1.33
C ASN A 110 14.13 -16.52 -2.72
N VAL A 111 14.91 -16.04 -3.69
CA VAL A 111 14.44 -15.88 -5.08
C VAL A 111 14.24 -17.20 -5.85
N ASP A 112 14.75 -18.30 -5.29
CA ASP A 112 14.62 -19.63 -5.88
C ASP A 112 13.49 -20.44 -5.23
N GLU A 113 12.55 -19.76 -4.57
CA GLU A 113 11.46 -20.41 -3.83
C GLU A 113 11.95 -21.42 -2.80
N THR A 114 12.79 -20.93 -1.88
CA THR A 114 13.22 -21.69 -0.69
C THR A 114 13.11 -20.78 0.50
N ALA A 115 12.82 -21.36 1.66
CA ALA A 115 12.60 -20.59 2.89
C ALA A 115 13.83 -19.79 3.23
N TYR A 116 13.63 -18.64 3.89
CA TYR A 116 14.70 -17.93 4.57
C TYR A 116 14.69 -18.45 6.00
N THR A 117 15.79 -19.10 6.40
CA THR A 117 15.90 -19.79 7.70
C THR A 117 16.78 -19.03 8.69
N GLY A 118 17.02 -17.74 8.43
CA GLY A 118 17.70 -16.86 9.38
C GLY A 118 16.71 -16.11 10.25
N SER A 119 17.23 -15.50 11.31
CA SER A 119 16.45 -14.59 12.16
C SER A 119 15.88 -13.46 11.33
N TRP A 120 14.59 -13.19 11.53
CA TRP A 120 13.89 -12.09 10.90
C TRP A 120 12.69 -11.62 11.76
N GLY A 121 12.26 -10.38 11.55
CA GLY A 121 11.10 -9.85 12.27
C GLY A 121 9.82 -10.52 11.82
N ARG A 122 9.66 -11.80 12.13
CA ARG A 122 8.52 -12.60 11.65
C ARG A 122 7.60 -13.02 12.81
N PRO A 123 6.29 -13.10 12.58
CA PRO A 123 5.66 -12.88 11.28
C PRO A 123 5.26 -11.42 11.05
N GLN A 124 4.94 -11.12 9.78
CA GLN A 124 4.22 -9.92 9.40
C GLN A 124 2.94 -10.37 8.74
N ARG A 125 1.80 -9.90 9.25
CA ARG A 125 0.49 -10.46 8.87
C ARG A 125 -0.22 -9.64 7.78
N ASP A 126 0.43 -8.56 7.32
CA ASP A 126 -0.05 -7.78 6.17
C ASP A 126 0.00 -8.57 4.87
N GLY A 127 1.09 -9.31 4.66
CA GLY A 127 1.35 -9.98 3.40
C GLY A 127 0.17 -10.73 2.79
N PRO A 128 -0.42 -11.67 3.56
CA PRO A 128 -1.58 -12.45 3.09
C PRO A 128 -2.76 -11.66 2.52
N ALA A 129 -3.08 -10.54 3.18
CA ALA A 129 -4.08 -9.60 2.68
C ALA A 129 -3.60 -9.00 1.35
N LEU A 130 -2.46 -8.30 1.44
CA LEU A 130 -1.81 -7.61 0.32
C LEU A 130 -1.63 -8.47 -0.92
N ARG A 131 -1.37 -9.77 -0.71
CA ARG A 131 -1.37 -10.72 -1.82
C ARG A 131 -2.78 -10.97 -2.32
N ALA A 132 -3.70 -11.34 -1.43
CA ALA A 132 -5.08 -11.61 -1.82
C ALA A 132 -5.68 -10.43 -2.60
N THR A 133 -5.44 -9.20 -2.14
CA THR A 133 -5.87 -7.97 -2.86
C THR A 133 -5.40 -7.91 -4.32
N ALA A 134 -4.07 -7.96 -4.49
CA ALA A 134 -3.41 -8.03 -5.80
C ALA A 134 -3.96 -9.12 -6.68
N MET A 135 -4.18 -10.31 -6.11
CA MET A 135 -4.76 -11.43 -6.85
C MET A 135 -6.26 -11.20 -7.15
N ILE A 136 -7.02 -10.69 -6.19
CA ILE A 136 -8.49 -10.58 -6.35
C ILE A 136 -8.85 -9.83 -7.64
N GLY A 137 -8.31 -8.62 -7.80
CA GLY A 137 -8.53 -7.78 -8.98
C GLY A 137 -8.26 -8.45 -10.32
N PHE A 138 -7.22 -9.28 -10.41
CA PHE A 138 -6.98 -10.05 -11.62
C PHE A 138 -7.98 -11.21 -11.75
N GLY A 139 -8.52 -11.67 -10.63
CA GLY A 139 -9.64 -12.60 -10.64
C GLY A 139 -10.90 -11.99 -11.23
N GLN A 140 -11.15 -10.72 -10.90
CA GLN A 140 -12.33 -9.99 -11.38
C GLN A 140 -12.27 -9.83 -12.90
N TRP A 141 -11.11 -9.38 -13.38
CA TRP A 141 -10.85 -9.30 -14.80
C TRP A 141 -11.09 -10.63 -15.50
N LEU A 142 -10.58 -11.72 -14.93
CA LEU A 142 -10.74 -13.04 -15.55
C LEU A 142 -12.21 -13.37 -15.69
N LEU A 143 -12.97 -13.13 -14.62
CA LEU A 143 -14.42 -13.37 -14.63
C LEU A 143 -15.08 -12.51 -15.70
N ASP A 144 -14.93 -11.18 -15.57
CA ASP A 144 -15.50 -10.20 -16.52
C ASP A 144 -14.91 -10.22 -17.96
N ASN A 145 -14.05 -11.19 -18.29
CA ASN A 145 -13.71 -11.53 -19.69
C ASN A 145 -13.82 -13.05 -19.94
N GLY A 146 -14.71 -13.73 -19.22
CA GLY A 146 -14.99 -15.17 -19.40
C GLY A 146 -13.82 -16.15 -19.40
N TYR A 147 -12.98 -16.08 -18.37
CA TYR A 147 -11.97 -17.11 -18.08
C TYR A 147 -12.27 -17.66 -16.69
N THR A 148 -13.37 -18.42 -16.61
CA THR A 148 -13.93 -18.85 -15.32
C THR A 148 -13.13 -19.96 -14.65
N SER A 149 -12.59 -20.90 -15.44
CA SER A 149 -11.76 -22.00 -14.94
C SER A 149 -10.51 -21.48 -14.20
N THR A 150 -9.83 -20.53 -14.83
CA THR A 150 -8.68 -19.89 -14.21
C THR A 150 -9.10 -19.05 -12.99
N ALA A 151 -10.23 -18.36 -13.11
CA ALA A 151 -10.78 -17.59 -11.98
C ALA A 151 -11.27 -18.45 -10.82
N THR A 152 -11.76 -19.65 -11.12
CA THR A 152 -12.39 -20.54 -10.13
C THR A 152 -11.46 -21.62 -9.58
N ASP A 153 -10.61 -22.20 -10.43
CA ASP A 153 -9.73 -23.33 -10.06
C ASP A 153 -8.27 -22.97 -9.75
N ILE A 154 -7.79 -21.82 -10.24
CA ILE A 154 -6.42 -21.36 -9.97
C ILE A 154 -6.40 -20.15 -9.03
N VAL A 155 -7.11 -19.09 -9.37
CA VAL A 155 -7.05 -17.82 -8.61
C VAL A 155 -7.79 -17.88 -7.29
N TRP A 156 -8.96 -18.52 -7.26
CA TRP A 156 -9.77 -18.53 -6.03
C TRP A 156 -9.07 -19.27 -4.87
N PRO A 157 -8.65 -20.54 -5.10
CA PRO A 157 -8.05 -21.29 -3.99
C PRO A 157 -6.68 -20.81 -3.47
N LEU A 158 -6.00 -19.95 -4.23
CA LEU A 158 -4.86 -19.19 -3.70
C LEU A 158 -5.38 -18.08 -2.80
N VAL A 159 -6.37 -17.35 -3.28
CA VAL A 159 -7.01 -16.29 -2.48
C VAL A 159 -7.77 -16.85 -1.26
N ARG A 160 -8.25 -18.10 -1.34
CA ARG A 160 -8.93 -18.77 -0.22
C ARG A 160 -7.97 -19.06 0.94
N ASN A 161 -6.76 -19.49 0.62
CA ASN A 161 -5.72 -19.70 1.64
C ASN A 161 -5.36 -18.43 2.40
N ASP A 162 -5.14 -17.34 1.68
CA ASP A 162 -4.81 -16.04 2.30
C ASP A 162 -5.97 -15.44 3.07
N LEU A 163 -7.19 -15.65 2.60
CA LEU A 163 -8.36 -15.17 3.34
C LEU A 163 -8.52 -15.97 4.63
N SER A 164 -8.48 -17.30 4.51
CA SER A 164 -8.43 -18.20 5.68
C SER A 164 -7.41 -17.69 6.73
N TYR A 165 -6.23 -17.28 6.25
CA TYR A 165 -5.19 -16.73 7.12
C TYR A 165 -5.70 -15.52 7.88
N VAL A 166 -6.08 -14.47 7.15
CA VAL A 166 -6.39 -13.17 7.77
C VAL A 166 -7.51 -13.30 8.81
N ALA A 167 -8.56 -14.08 8.53
CA ALA A 167 -9.66 -14.30 9.49
C ALA A 167 -9.20 -14.97 10.79
N GLN A 168 -8.25 -15.90 10.68
CA GLN A 168 -7.77 -16.68 11.81
C GLN A 168 -6.79 -15.90 12.70
N TYR A 169 -5.80 -15.27 12.05
CA TYR A 169 -4.63 -14.73 12.74
C TYR A 169 -4.62 -13.21 12.93
N TRP A 170 -5.63 -12.49 12.45
CA TRP A 170 -5.59 -11.02 12.52
C TRP A 170 -5.41 -10.48 13.95
N ASN A 171 -6.15 -11.06 14.91
CA ASN A 171 -6.15 -10.56 16.30
C ASN A 171 -4.89 -11.00 17.09
N GLN A 172 -4.12 -11.95 16.57
CA GLN A 172 -2.76 -12.24 17.10
C GLN A 172 -1.73 -11.19 16.68
N THR A 173 -0.70 -11.03 17.50
CA THR A 173 0.33 -9.99 17.32
C THR A 173 1.36 -10.39 16.25
N GLY A 174 2.18 -9.43 15.85
CA GLY A 174 3.20 -9.62 14.80
C GLY A 174 3.95 -8.34 14.53
N TYR A 175 4.96 -8.40 13.65
CA TYR A 175 5.79 -7.23 13.32
C TYR A 175 5.16 -6.28 12.27
N ASP A 176 5.55 -5.00 12.31
CA ASP A 176 4.97 -3.97 11.42
C ASP A 176 5.52 -4.06 9.98
N LEU A 177 5.00 -3.20 9.09
CA LEU A 177 5.49 -3.12 7.70
C LEU A 177 6.98 -2.72 7.56
N TRP A 178 7.55 -2.08 8.56
CA TRP A 178 8.99 -1.81 8.59
C TRP A 178 9.84 -2.94 9.23
N GLU A 179 9.20 -4.03 9.66
CA GLU A 179 9.89 -5.25 10.14
C GLU A 179 10.56 -5.10 11.52
N GLU A 180 10.14 -4.08 12.28
CA GLU A 180 10.80 -3.61 13.49
C GLU A 180 9.97 -3.78 14.77
N VAL A 181 8.76 -3.24 14.75
CA VAL A 181 7.92 -3.15 15.94
C VAL A 181 6.99 -4.36 16.05
N ASN A 182 7.17 -5.15 17.10
CA ASN A 182 6.25 -6.24 17.36
C ASN A 182 5.04 -5.70 18.12
N GLY A 183 3.87 -5.89 17.53
CA GLY A 183 2.62 -5.43 18.13
C GLY A 183 1.45 -5.59 17.18
N SER A 184 0.62 -4.55 17.13
CA SER A 184 -0.45 -4.42 16.17
C SER A 184 -0.18 -3.14 15.37
N SER A 185 -0.08 -3.26 14.04
CA SER A 185 0.23 -2.13 13.14
C SER A 185 -1.04 -1.66 12.43
N PHE A 186 -1.18 -0.35 12.24
CA PHE A 186 -2.39 0.21 11.62
C PHE A 186 -2.55 -0.24 10.17
N PHE A 187 -1.47 -0.07 9.41
CA PHE A 187 -1.35 -0.48 8.02
C PHE A 187 -1.82 -1.90 7.83
N THR A 188 -1.24 -2.79 8.63
CA THR A 188 -1.58 -4.21 8.64
C THR A 188 -3.10 -4.44 8.79
N ILE A 189 -3.70 -3.75 9.75
CA ILE A 189 -5.11 -3.97 10.06
C ILE A 189 -5.99 -3.38 8.98
N ALA A 190 -5.60 -2.19 8.50
CA ALA A 190 -6.30 -1.51 7.40
C ALA A 190 -6.36 -2.38 6.16
N VAL A 191 -5.19 -2.81 5.67
CA VAL A 191 -5.13 -3.63 4.46
C VAL A 191 -5.75 -5.04 4.63
N GLN A 192 -5.76 -5.54 5.87
CA GLN A 192 -6.44 -6.81 6.21
C GLN A 192 -7.96 -6.69 6.12
N HIS A 193 -8.50 -5.55 6.58
CA HIS A 193 -9.94 -5.29 6.52
C HIS A 193 -10.43 -5.33 5.08
N ARG A 194 -9.76 -4.57 4.23
CA ARG A 194 -10.06 -4.54 2.80
C ARG A 194 -10.14 -5.94 2.17
N ALA A 195 -9.21 -6.82 2.56
CA ALA A 195 -9.06 -8.14 1.91
C ALA A 195 -10.27 -9.04 2.10
N LEU A 196 -10.80 -9.08 3.33
CA LEU A 196 -11.99 -9.88 3.64
C LEU A 196 -13.26 -9.33 2.98
N VAL A 197 -13.36 -8.01 2.87
CA VAL A 197 -14.51 -7.38 2.21
C VAL A 197 -14.51 -7.72 0.72
N GLU A 198 -13.43 -7.35 0.04
CA GLU A 198 -13.29 -7.56 -1.41
C GLU A 198 -13.13 -9.04 -1.76
N GLY A 199 -12.56 -9.82 -0.83
CA GLY A 199 -12.50 -11.29 -0.93
C GLY A 199 -13.83 -12.02 -0.78
N SER A 200 -14.73 -11.48 0.04
CA SER A 200 -16.11 -11.98 0.17
C SER A 200 -16.88 -11.75 -1.12
N ALA A 201 -16.85 -10.51 -1.60
CA ALA A 201 -17.41 -10.16 -2.89
C ALA A 201 -16.92 -11.05 -4.03
N PHE A 202 -15.59 -11.19 -4.16
CA PHE A 202 -14.96 -12.05 -5.18
C PHE A 202 -15.27 -13.55 -5.02
N ALA A 203 -15.29 -14.04 -3.79
CA ALA A 203 -15.65 -15.44 -3.52
C ALA A 203 -17.12 -15.74 -3.84
N THR A 204 -18.01 -14.75 -3.65
CA THR A 204 -19.39 -14.85 -4.11
C THR A 204 -19.40 -14.93 -5.65
N ALA A 205 -18.57 -14.09 -6.29
CA ALA A 205 -18.48 -14.05 -7.76
C ALA A 205 -17.98 -15.34 -8.48
N VAL A 206 -17.33 -16.28 -7.79
CA VAL A 206 -16.96 -17.57 -8.41
C VAL A 206 -17.91 -18.73 -8.05
N GLY A 207 -19.11 -18.42 -7.56
CA GLY A 207 -20.10 -19.43 -7.16
C GLY A 207 -19.66 -20.21 -5.94
N SER A 208 -19.31 -19.45 -4.90
CA SER A 208 -18.66 -20.01 -3.72
C SER A 208 -18.90 -19.10 -2.51
N SER A 209 -18.27 -19.43 -1.38
CA SER A 209 -18.50 -18.75 -0.11
C SER A 209 -17.20 -18.40 0.59
N CYS A 210 -17.16 -17.23 1.23
CA CYS A 210 -16.16 -16.91 2.26
C CYS A 210 -16.89 -16.50 3.53
N SER A 211 -17.41 -17.49 4.23
CA SER A 211 -18.18 -17.31 5.47
C SER A 211 -17.41 -16.59 6.60
N TRP A 212 -16.10 -16.84 6.65
CA TRP A 212 -15.18 -16.27 7.66
C TRP A 212 -14.81 -14.82 7.38
N CYS A 213 -14.60 -14.50 6.10
CA CYS A 213 -14.48 -13.10 5.62
C CYS A 213 -15.55 -12.19 6.23
N ASP A 214 -16.79 -12.68 6.23
CA ASP A 214 -17.95 -11.88 6.63
C ASP A 214 -18.00 -11.59 8.12
N SER A 215 -17.86 -12.65 8.92
CA SER A 215 -17.95 -12.53 10.39
C SER A 215 -16.89 -11.59 10.96
N GLN A 216 -15.67 -11.70 10.44
CA GLN A 216 -14.53 -10.97 10.99
C GLN A 216 -14.37 -9.53 10.49
N ALA A 217 -14.84 -9.24 9.27
CA ALA A 217 -14.56 -7.93 8.65
C ALA A 217 -14.99 -6.73 9.51
N PRO A 218 -16.24 -6.73 10.02
CA PRO A 218 -16.65 -5.65 10.95
C PRO A 218 -15.86 -5.64 12.26
N GLU A 219 -15.47 -6.83 12.73
CA GLU A 219 -14.65 -6.99 13.93
C GLU A 219 -13.29 -6.30 13.78
N ILE A 220 -12.71 -6.42 12.58
CA ILE A 220 -11.43 -5.78 12.28
C ILE A 220 -11.67 -4.28 12.16
N LEU A 221 -12.75 -3.94 11.46
CA LEU A 221 -13.16 -2.54 11.32
C LEU A 221 -13.55 -1.94 12.67
N CYS A 222 -14.02 -2.78 13.59
CA CYS A 222 -14.29 -2.37 14.96
C CYS A 222 -12.96 -2.04 15.62
N TYR A 223 -12.05 -3.00 15.60
CA TYR A 223 -10.71 -2.80 16.15
C TYR A 223 -10.01 -1.57 15.55
N LEU A 224 -10.10 -1.42 14.22
CA LEU A 224 -9.43 -0.31 13.50
C LEU A 224 -9.70 1.08 14.09
N GLN A 225 -10.94 1.32 14.54
CA GLN A 225 -11.34 2.62 15.13
C GLN A 225 -10.40 3.07 16.24
N SER A 226 -9.95 2.12 17.05
CA SER A 226 -9.08 2.38 18.20
C SER A 226 -7.73 3.04 17.88
N PHE A 227 -7.24 2.87 16.64
CA PHE A 227 -5.98 3.51 16.20
C PHE A 227 -6.02 5.05 16.16
N TRP A 228 -7.22 5.63 16.05
CA TRP A 228 -7.39 7.09 16.08
C TRP A 228 -7.20 7.65 17.50
N THR A 229 -6.38 8.70 17.62
CA THR A 229 -6.01 9.31 18.90
C THR A 229 -6.72 10.64 19.18
N GLY A 230 -7.44 11.14 18.19
CA GLY A 230 -7.95 12.51 18.22
C GLY A 230 -7.07 13.44 17.41
N SER A 231 -5.76 13.36 17.61
CA SER A 231 -4.81 14.20 16.90
C SER A 231 -4.47 13.59 15.53
N PHE A 232 -4.10 12.31 15.54
CA PHE A 232 -3.67 11.58 14.35
C PHE A 232 -3.95 10.05 14.47
N ILE A 233 -3.46 9.26 13.51
CA ILE A 233 -3.53 7.81 13.57
C ILE A 233 -2.22 7.26 14.14
N LEU A 234 -2.34 6.51 15.24
CA LEU A 234 -1.22 5.71 15.79
C LEU A 234 -0.72 4.67 14.78
N ALA A 235 0.61 4.62 14.60
CA ALA A 235 1.26 3.62 13.76
C ALA A 235 1.13 2.22 14.35
N ASN A 236 1.56 2.10 15.60
CA ASN A 236 1.54 0.82 16.31
C ASN A 236 1.05 0.93 17.75
N PHE A 237 0.35 -0.11 18.20
CA PHE A 237 0.17 -0.34 19.63
C PHE A 237 1.38 -1.11 20.17
N ASP A 238 1.76 -0.77 21.41
CA ASP A 238 2.98 -1.27 22.10
C ASP A 238 4.23 -0.58 21.57
N SER A 239 4.27 0.73 21.68
CA SER A 239 5.39 1.52 21.17
C SER A 239 5.59 2.79 21.98
N SER A 240 6.86 3.17 22.17
CA SER A 240 7.23 4.39 22.87
C SER A 240 7.42 5.54 21.89
N ARG A 241 7.25 5.22 20.61
CA ARG A 241 7.31 6.22 19.55
C ARG A 241 6.10 7.12 19.62
N SER A 242 6.19 8.23 18.89
CA SER A 242 5.10 9.19 18.79
C SER A 242 3.80 8.59 18.21
N GLY A 243 3.94 7.58 17.35
CA GLY A 243 2.80 7.04 16.60
C GLY A 243 2.61 7.68 15.22
N LYS A 244 3.42 8.70 14.92
CA LYS A 244 3.45 9.36 13.62
C LYS A 244 4.43 8.57 12.76
N ASP A 245 3.91 8.01 11.67
CA ASP A 245 4.66 7.11 10.78
C ASP A 245 4.02 7.11 9.37
N ALA A 246 4.83 6.89 8.34
CA ALA A 246 4.34 6.79 6.97
C ALA A 246 3.39 5.61 6.78
N ASN A 247 3.56 4.58 7.61
CA ASN A 247 2.59 3.49 7.85
C ASN A 247 1.13 3.90 7.58
N THR A 248 0.74 5.01 8.18
CA THR A 248 -0.66 5.47 8.14
C THR A 248 -1.04 6.12 6.79
N LEU A 249 -0.14 6.94 6.25
CA LEU A 249 -0.25 7.44 4.89
C LEU A 249 -0.53 6.31 3.90
N LEU A 250 0.27 5.24 4.01
CA LEU A 250 0.18 4.08 3.14
C LEU A 250 -1.12 3.30 3.37
N GLY A 251 -1.53 3.19 4.63
CA GLY A 251 -2.80 2.54 4.98
C GLY A 251 -4.02 3.17 4.30
N SER A 252 -4.01 4.50 4.20
CA SER A 252 -5.09 5.24 3.57
C SER A 252 -5.12 4.95 2.06
N ILE A 253 -4.00 5.22 1.38
CA ILE A 253 -3.93 5.12 -0.10
C ILE A 253 -4.12 3.69 -0.63
N HIS A 254 -3.67 2.69 0.14
CA HIS A 254 -3.81 1.29 -0.27
C HIS A 254 -5.15 0.68 0.18
N THR A 255 -5.95 1.43 0.94
CA THR A 255 -7.39 1.14 1.14
C THR A 255 -8.33 2.19 0.51
N PHE A 256 -7.77 3.11 -0.28
CA PHE A 256 -8.57 4.09 -1.05
C PHE A 256 -9.57 3.40 -1.98
N ASP A 257 -10.86 3.65 -1.73
CA ASP A 257 -11.97 3.21 -2.61
C ASP A 257 -12.52 4.41 -3.39
N PRO A 258 -12.66 4.29 -4.72
CA PRO A 258 -13.18 5.46 -5.46
C PRO A 258 -14.69 5.73 -5.31
N GLU A 259 -15.53 4.69 -5.23
CA GLU A 259 -16.99 4.88 -5.11
C GLU A 259 -17.43 5.28 -3.67
N ALA A 260 -16.53 5.91 -2.91
CA ALA A 260 -16.68 6.11 -1.47
C ALA A 260 -16.50 7.58 -1.08
N ALA A 261 -17.14 7.97 0.02
CA ALA A 261 -17.07 9.33 0.57
C ALA A 261 -15.94 9.45 1.59
N CYS A 262 -15.75 10.66 2.12
CA CYS A 262 -14.73 10.94 3.13
C CYS A 262 -15.02 10.29 4.50
N ASP A 263 -15.03 8.95 4.53
CA ASP A 263 -15.48 8.18 5.68
C ASP A 263 -14.37 8.03 6.73
N ASP A 264 -14.58 8.63 7.90
CA ASP A 264 -13.65 8.52 9.04
C ASP A 264 -13.48 7.07 9.57
N SER A 265 -14.50 6.24 9.40
CA SER A 265 -14.46 4.86 9.92
C SER A 265 -13.56 3.90 9.14
N THR A 266 -13.35 4.15 7.85
CA THR A 266 -12.37 3.37 7.03
C THR A 266 -11.15 4.20 6.59
N PHE A 267 -11.01 5.39 7.19
CA PHE A 267 -9.81 6.25 7.07
C PHE A 267 -9.39 6.53 5.63
N GLN A 268 -10.35 7.03 4.86
CA GLN A 268 -10.10 7.35 3.45
C GLN A 268 -9.27 8.64 3.32
N PRO A 269 -8.63 8.85 2.16
CA PRO A 269 -7.72 10.00 2.00
C PRO A 269 -8.33 11.37 2.29
N CYS A 270 -9.59 11.59 1.89
CA CYS A 270 -10.28 12.88 2.15
C CYS A 270 -11.00 12.97 3.50
N SER A 271 -11.04 11.86 4.25
CA SER A 271 -11.64 11.82 5.59
C SER A 271 -10.90 12.74 6.56
N PRO A 272 -11.61 13.41 7.49
CA PRO A 272 -10.98 14.29 8.50
C PRO A 272 -9.78 13.68 9.25
N ARG A 273 -9.89 12.41 9.63
CA ARG A 273 -8.83 11.68 10.35
C ARG A 273 -7.54 11.55 9.52
N ALA A 274 -7.66 11.03 8.30
CA ALA A 274 -6.51 10.91 7.38
C ALA A 274 -5.94 12.27 6.99
N LEU A 275 -6.79 13.30 6.92
CA LEU A 275 -6.36 14.66 6.59
C LEU A 275 -5.57 15.27 7.74
N ALA A 276 -6.13 15.17 8.95
CA ALA A 276 -5.39 15.53 10.18
C ALA A 276 -4.10 14.75 10.31
N ASN A 277 -4.17 13.43 10.05
CA ASN A 277 -3.00 12.54 10.08
C ASN A 277 -1.90 13.01 9.14
N HIS A 278 -2.27 13.40 7.92
CA HIS A 278 -1.32 13.91 6.94
C HIS A 278 -0.62 15.19 7.41
N LYS A 279 -1.38 16.08 8.05
CA LYS A 279 -0.78 17.29 8.64
C LYS A 279 0.26 16.88 9.67
N GLU A 280 -0.18 16.04 10.60
CA GLU A 280 0.64 15.60 11.75
C GLU A 280 1.88 14.80 11.32
N VAL A 281 1.65 13.78 10.48
CA VAL A 281 2.70 12.84 10.09
C VAL A 281 3.79 13.54 9.27
N VAL A 282 3.39 14.38 8.31
CA VAL A 282 4.35 15.09 7.48
C VAL A 282 5.10 16.16 8.28
N ASP A 283 4.38 16.96 9.07
CA ASP A 283 5.01 17.94 9.98
C ASP A 283 6.19 17.32 10.73
N SER A 284 5.98 16.12 11.26
CA SER A 284 6.99 15.44 12.08
C SER A 284 8.39 15.29 11.45
N PHE A 285 8.52 15.52 10.13
CA PHE A 285 9.83 15.51 9.45
C PHE A 285 10.42 16.87 9.12
N ARG A 286 9.69 17.97 9.40
CA ARG A 286 10.11 19.32 8.96
C ARG A 286 11.49 19.79 9.42
N SER A 287 11.77 19.71 10.71
CA SER A 287 13.03 20.22 11.27
C SER A 287 14.14 19.16 11.32
N ILE A 288 13.77 17.87 11.41
CA ILE A 288 14.77 16.80 11.65
C ILE A 288 15.74 16.51 10.49
N TYR A 289 15.36 16.93 9.27
CA TYR A 289 16.24 16.85 8.08
C TYR A 289 16.76 18.24 7.69
N THR A 290 18.09 18.35 7.56
CA THR A 290 18.74 19.58 7.08
C THR A 290 18.36 19.92 5.64
N LEU A 291 18.05 18.89 4.85
CA LEU A 291 17.52 19.02 3.49
C LEU A 291 16.25 19.89 3.38
N ASN A 292 15.44 19.91 4.44
CA ASN A 292 14.18 20.68 4.48
C ASN A 292 14.28 22.06 5.18
N ASP A 293 15.48 22.60 5.39
CA ASP A 293 15.62 23.91 6.06
C ASP A 293 15.09 25.05 5.19
N GLY A 294 14.25 25.90 5.77
CA GLY A 294 13.64 27.01 5.05
C GLY A 294 12.50 26.62 4.13
N LEU A 295 11.76 25.57 4.49
CA LEU A 295 10.57 25.13 3.75
C LEU A 295 9.34 25.22 4.65
N SER A 296 8.59 26.32 4.48
CA SER A 296 7.44 26.64 5.34
C SER A 296 6.31 25.61 5.27
N ASP A 297 5.35 25.73 6.19
CA ASP A 297 4.22 24.79 6.31
C ASP A 297 3.18 24.81 5.17
N SER A 298 3.32 25.75 4.23
CA SER A 298 2.60 25.72 2.94
C SER A 298 3.31 24.86 1.89
N GLU A 299 4.64 24.92 1.85
CA GLU A 299 5.44 24.14 0.88
C GLU A 299 5.62 22.70 1.32
N ALA A 300 5.99 21.84 0.37
CA ALA A 300 6.25 20.42 0.64
C ALA A 300 7.67 20.17 1.12
N VAL A 301 7.86 19.02 1.76
CA VAL A 301 9.16 18.60 2.36
C VAL A 301 9.48 17.13 2.03
N ALA A 302 10.75 16.77 2.11
CA ALA A 302 11.20 15.38 1.96
C ALA A 302 10.68 14.54 3.13
N VAL A 303 9.93 13.47 2.83
CA VAL A 303 9.24 12.66 3.86
C VAL A 303 9.94 11.32 4.07
N GLY A 304 10.07 10.94 5.35
CA GLY A 304 10.68 9.67 5.78
C GLY A 304 9.65 8.64 6.21
N ARG A 305 10.11 7.59 6.90
CA ARG A 305 9.21 6.59 7.45
C ARG A 305 8.60 7.13 8.75
N TYR A 306 9.48 7.46 9.69
CA TYR A 306 9.07 7.98 11.00
C TYR A 306 10.27 8.70 11.61
N PRO A 307 10.01 9.70 12.48
CA PRO A 307 11.15 10.52 13.00
C PRO A 307 12.07 9.80 14.00
N GLU A 308 11.61 8.70 14.60
CA GLU A 308 12.43 7.90 15.51
C GLU A 308 13.39 6.93 14.77
N ASP A 309 13.19 6.80 13.45
CA ASP A 309 13.95 5.91 12.59
C ASP A 309 15.42 6.29 12.65
N THR A 310 16.28 5.28 12.79
CA THR A 310 17.75 5.44 12.80
C THR A 310 18.45 4.64 11.70
N TYR A 311 17.68 4.07 10.76
CA TYR A 311 18.18 3.15 9.75
C TYR A 311 18.80 3.95 8.60
N TYR A 312 20.09 3.71 8.35
CA TYR A 312 20.94 4.63 7.57
C TYR A 312 21.02 6.04 8.17
N ASN A 313 20.89 6.12 9.50
CA ASN A 313 20.65 7.36 10.28
C ASN A 313 19.17 7.85 10.27
N GLY A 314 18.36 7.39 9.32
CA GLY A 314 16.94 7.71 9.27
C GLY A 314 16.65 8.83 8.31
N ASN A 315 16.57 8.49 7.03
CA ASN A 315 16.46 9.46 5.94
C ASN A 315 15.04 9.58 5.38
N PRO A 316 14.81 10.52 4.46
CA PRO A 316 13.61 10.54 3.63
C PRO A 316 13.50 9.33 2.72
N TRP A 317 12.29 8.81 2.52
CA TRP A 317 12.06 7.64 1.66
C TRP A 317 11.30 8.09 0.44
N PHE A 318 11.65 7.56 -0.73
CA PHE A 318 10.97 7.93 -1.98
C PHE A 318 9.51 7.51 -1.97
N LEU A 319 9.25 6.25 -1.64
CA LEU A 319 7.86 5.75 -1.55
C LEU A 319 7.06 6.51 -0.48
N CYS A 320 7.70 6.85 0.65
CA CYS A 320 7.03 7.68 1.68
C CYS A 320 6.74 9.13 1.24
N THR A 321 7.70 9.75 0.53
CA THR A 321 7.50 11.05 -0.12
C THR A 321 6.39 10.95 -1.16
N LEU A 322 6.36 9.83 -1.87
CA LEU A 322 5.33 9.59 -2.90
C LEU A 322 3.96 9.30 -2.29
N ALA A 323 3.93 8.76 -1.07
CA ALA A 323 2.68 8.52 -0.33
C ALA A 323 2.01 9.82 0.16
N ALA A 324 2.83 10.78 0.60
CA ALA A 324 2.32 12.12 0.96
C ALA A 324 1.51 12.74 -0.19
N ALA A 325 2.10 12.71 -1.38
CA ALA A 325 1.44 13.12 -2.63
C ALA A 325 0.21 12.31 -3.02
N GLU A 326 0.27 10.99 -2.87
CA GLU A 326 -0.79 10.11 -3.36
C GLU A 326 -2.11 10.22 -2.59
N GLN A 327 -2.03 10.42 -1.27
CA GLN A 327 -3.20 10.66 -0.43
C GLN A 327 -3.90 11.92 -0.91
N LEU A 328 -3.10 12.96 -1.11
CA LEU A 328 -3.61 14.26 -1.57
C LEU A 328 -4.29 14.15 -2.93
N TYR A 329 -3.68 13.42 -3.86
CA TYR A 329 -4.29 13.19 -5.18
C TYR A 329 -5.60 12.38 -5.11
N ASP A 330 -5.69 11.44 -4.17
CA ASP A 330 -6.95 10.70 -3.92
C ASP A 330 -7.98 11.62 -3.28
N ALA A 331 -7.50 12.52 -2.42
CA ALA A 331 -8.34 13.56 -1.83
C ALA A 331 -8.94 14.46 -2.92
N LEU A 332 -8.09 14.94 -3.83
CA LEU A 332 -8.51 15.76 -4.95
C LEU A 332 -9.47 15.05 -5.90
N TYR A 333 -9.31 13.74 -6.06
CA TYR A 333 -10.27 12.94 -6.83
C TYR A 333 -11.63 12.83 -6.14
N GLN A 334 -11.61 12.61 -4.83
CA GLN A 334 -12.84 12.39 -4.06
C GLN A 334 -13.66 13.66 -3.84
N TRP A 335 -12.99 14.81 -3.72
CA TRP A 335 -13.69 16.11 -3.68
C TRP A 335 -14.33 16.42 -5.04
N ASP A 336 -13.62 16.11 -6.13
CA ASP A 336 -14.16 16.26 -7.49
C ASP A 336 -15.36 15.36 -7.69
N LYS A 337 -15.19 14.07 -7.42
CA LYS A 337 -16.28 13.09 -7.61
C LYS A 337 -17.48 13.33 -6.71
N GLN A 338 -17.28 13.97 -5.56
CA GLN A 338 -18.38 14.38 -4.70
C GLN A 338 -19.05 15.68 -5.13
N GLY A 339 -18.23 16.66 -5.52
CA GLY A 339 -18.68 18.04 -5.65
C GLY A 339 -18.72 18.74 -4.29
N SER A 340 -17.80 18.37 -3.39
CA SER A 340 -17.76 18.91 -2.03
C SER A 340 -16.35 18.83 -1.41
N LEU A 341 -16.15 19.62 -0.37
CA LEU A 341 -14.86 19.73 0.34
C LEU A 341 -15.18 20.21 1.76
N GLU A 342 -15.45 19.27 2.67
CA GLU A 342 -15.80 19.64 4.04
C GLU A 342 -14.53 19.96 4.84
N VAL A 343 -14.45 21.18 5.36
CA VAL A 343 -13.46 21.53 6.37
C VAL A 343 -14.12 21.29 7.72
N THR A 344 -13.47 20.48 8.56
CA THR A 344 -13.93 20.20 9.92
C THR A 344 -12.92 20.80 10.91
N ASP A 345 -13.31 20.79 12.18
CA ASP A 345 -12.42 21.22 13.26
C ASP A 345 -11.24 20.26 13.44
N VAL A 346 -11.46 18.99 13.08
CA VAL A 346 -10.41 17.97 13.05
C VAL A 346 -9.34 18.36 12.03
N SER A 347 -9.75 18.55 10.78
CA SER A 347 -8.83 18.81 9.67
C SER A 347 -8.22 20.21 9.69
N LEU A 348 -9.03 21.21 10.05
CA LEU A 348 -8.67 22.64 10.13
C LEU A 348 -7.21 23.07 9.82
N ASP A 349 -6.25 22.54 10.58
CA ASP A 349 -4.84 22.94 10.40
C ASP A 349 -4.30 22.51 9.04
N PHE A 350 -4.68 21.31 8.59
CA PHE A 350 -4.33 20.77 7.26
C PHE A 350 -4.54 21.78 6.12
N PHE A 351 -5.74 22.36 6.09
CA PHE A 351 -6.08 23.39 5.10
C PHE A 351 -5.38 24.71 5.42
N LYS A 352 -5.46 25.13 6.69
CA LYS A 352 -4.96 26.44 7.14
C LYS A 352 -3.47 26.71 6.83
N ALA A 353 -2.65 25.65 6.87
CA ALA A 353 -1.23 25.77 6.53
C ALA A 353 -0.98 26.00 5.04
N LEU A 354 -1.93 25.58 4.19
CA LEU A 354 -1.88 25.73 2.73
C LEU A 354 -2.65 26.95 2.22
N TYR A 355 -3.91 27.05 2.68
CA TYR A 355 -4.83 28.16 2.37
C TYR A 355 -5.04 28.96 3.66
N SER A 356 -4.34 30.09 3.79
CA SER A 356 -4.41 30.96 4.99
C SER A 356 -5.84 31.28 5.43
N ASP A 357 -6.71 31.55 4.46
CA ASP A 357 -8.11 31.89 4.70
C ASP A 357 -9.04 30.68 4.93
N ALA A 358 -8.48 29.49 5.17
CA ALA A 358 -9.29 28.28 5.40
C ALA A 358 -10.04 28.36 6.72
N ALA A 359 -11.22 27.75 6.75
CA ALA A 359 -12.11 27.80 7.91
C ALA A 359 -13.18 26.73 7.82
N THR A 360 -13.78 26.37 8.96
CA THR A 360 -14.81 25.33 9.03
C THR A 360 -15.99 25.63 8.09
N GLY A 361 -16.34 24.64 7.27
CA GLY A 361 -17.37 24.80 6.24
C GLY A 361 -17.42 23.68 5.22
N THR A 362 -18.59 23.51 4.60
CA THR A 362 -18.74 22.67 3.41
C THR A 362 -18.69 23.62 2.19
N TYR A 363 -17.83 23.31 1.22
CA TYR A 363 -17.60 24.17 0.03
C TYR A 363 -17.61 23.33 -1.27
N SER A 364 -18.70 23.39 -2.04
CA SER A 364 -18.83 22.60 -3.28
C SER A 364 -17.83 23.03 -4.36
N SER A 365 -17.72 22.22 -5.40
CA SER A 365 -16.83 22.50 -6.56
C SER A 365 -16.98 23.93 -7.13
N SER A 366 -18.23 24.40 -7.17
CA SER A 366 -18.59 25.72 -7.69
C SER A 366 -18.01 26.93 -6.93
N SER A 367 -17.78 26.75 -5.62
CA SER A 367 -17.38 27.85 -4.75
C SER A 367 -15.98 28.39 -5.06
N SER A 368 -15.77 29.64 -4.65
CA SER A 368 -14.45 30.25 -4.60
C SER A 368 -13.50 29.43 -3.72
N THR A 369 -13.98 29.06 -2.53
CA THR A 369 -13.18 28.36 -1.53
C THR A 369 -12.60 27.05 -2.03
N TYR A 370 -13.45 26.21 -2.62
CA TYR A 370 -13.01 24.95 -3.21
C TYR A 370 -11.89 25.15 -4.23
N SER A 371 -12.09 26.09 -5.15
CA SER A 371 -11.14 26.39 -6.24
C SER A 371 -9.77 26.83 -5.72
N SER A 372 -9.77 27.69 -4.72
CA SER A 372 -8.53 28.17 -4.11
C SER A 372 -7.79 27.06 -3.34
N ILE A 373 -8.56 26.25 -2.60
CA ILE A 373 -7.99 25.16 -1.81
C ILE A 373 -7.34 24.11 -2.71
N VAL A 374 -8.13 23.55 -3.64
CA VAL A 374 -7.63 22.48 -4.52
C VAL A 374 -6.40 22.88 -5.37
N ASP A 375 -6.23 24.19 -5.63
CA ASP A 375 -4.99 24.70 -6.21
C ASP A 375 -3.83 24.54 -5.23
N ALA A 376 -4.07 24.96 -3.99
CA ALA A 376 -3.07 24.87 -2.92
C ALA A 376 -2.69 23.42 -2.68
N VAL A 377 -3.70 22.55 -2.65
CA VAL A 377 -3.49 21.10 -2.46
C VAL A 377 -2.67 20.53 -3.63
N LYS A 378 -3.13 20.78 -4.84
CA LYS A 378 -2.45 20.32 -6.06
C LYS A 378 -0.98 20.75 -6.07
N THR A 379 -0.72 22.01 -5.71
CA THR A 379 0.64 22.56 -5.60
C THR A 379 1.47 21.85 -4.53
N PHE A 380 0.86 21.61 -3.37
CA PHE A 380 1.51 20.95 -2.21
C PHE A 380 1.93 19.54 -2.59
N ALA A 381 0.99 18.77 -3.13
CA ALA A 381 1.27 17.41 -3.62
C ALA A 381 2.34 17.45 -4.72
N ASP A 382 2.13 18.32 -5.73
CA ASP A 382 3.16 18.59 -6.76
C ASP A 382 4.52 18.94 -6.15
N GLY A 383 4.52 19.57 -4.98
CA GLY A 383 5.72 19.84 -4.19
C GLY A 383 6.57 18.63 -3.82
N PHE A 384 5.90 17.55 -3.37
CA PHE A 384 6.59 16.33 -2.95
C PHE A 384 7.28 15.68 -4.15
N VAL A 385 6.48 15.43 -5.17
CA VAL A 385 6.97 14.79 -6.40
C VAL A 385 8.16 15.53 -7.04
N SER A 386 8.17 16.87 -6.93
CA SER A 386 9.32 17.70 -7.33
C SER A 386 10.58 17.39 -6.52
N ILE A 387 10.40 17.08 -5.23
CA ILE A 387 11.50 16.60 -4.39
C ILE A 387 11.93 15.19 -4.82
N VAL A 388 10.97 14.32 -5.17
CA VAL A 388 11.28 12.98 -5.71
C VAL A 388 12.10 13.10 -6.99
N GLU A 389 11.68 13.98 -7.89
CA GLU A 389 12.40 14.28 -9.12
C GLU A 389 13.83 14.66 -8.82
N THR A 390 14.00 15.69 -7.99
CA THR A 390 15.31 16.28 -7.68
C THR A 390 16.39 15.23 -7.40
N HIS A 391 16.07 14.33 -6.48
CA HIS A 391 17.01 13.33 -5.99
C HIS A 391 16.98 12.00 -6.76
N ALA A 392 16.02 11.85 -7.70
CA ALA A 392 16.06 10.74 -8.68
C ALA A 392 17.28 10.85 -9.59
N ALA A 393 17.79 9.71 -10.03
CA ALA A 393 19.03 9.65 -10.82
C ALA A 393 18.86 10.19 -12.23
N SER A 394 19.99 10.36 -12.93
CA SER A 394 20.00 10.95 -14.28
C SER A 394 19.24 10.08 -15.28
N ASN A 395 19.38 8.75 -15.17
CA ASN A 395 18.62 7.79 -15.98
C ASN A 395 17.25 7.37 -15.37
N GLY A 396 16.73 8.14 -14.41
CA GLY A 396 15.45 7.84 -13.78
C GLY A 396 15.41 6.86 -12.62
N SER A 397 16.55 6.29 -12.21
CA SER A 397 16.56 5.33 -11.07
C SER A 397 16.03 5.92 -9.76
N MET A 398 15.46 5.05 -8.94
CA MET A 398 15.07 5.42 -7.59
C MET A 398 15.57 4.36 -6.61
N SER A 399 16.13 4.85 -5.51
CA SER A 399 16.61 4.02 -4.43
C SER A 399 15.51 3.88 -3.37
N GLU A 400 15.87 3.32 -2.22
CA GLU A 400 14.95 3.21 -1.09
C GLU A 400 14.83 4.54 -0.37
N GLN A 401 15.97 5.14 -0.08
CA GLN A 401 16.03 6.39 0.66
C GLN A 401 16.99 7.35 -0.01
N TYR A 402 16.90 8.61 0.39
CA TYR A 402 17.83 9.64 -0.06
C TYR A 402 18.24 10.51 1.11
N ASP A 403 19.56 10.73 1.23
CA ASP A 403 20.24 11.39 2.37
C ASP A 403 19.48 12.56 3.04
N LYS A 404 19.70 12.67 4.35
CA LYS A 404 18.95 13.59 5.22
C LYS A 404 19.43 15.05 5.12
N SER A 405 20.72 15.24 4.79
CA SER A 405 21.31 16.57 4.65
C SER A 405 21.33 17.04 3.21
N ASP A 406 21.88 16.21 2.33
CA ASP A 406 22.17 16.60 0.94
C ASP A 406 21.37 15.86 -0.17
N GLY A 407 20.57 14.87 0.22
CA GLY A 407 19.65 14.20 -0.72
C GLY A 407 20.17 13.17 -1.70
N GLU A 408 21.41 12.69 -1.55
CA GLU A 408 21.93 11.63 -2.44
C GLU A 408 21.27 10.29 -2.16
N GLN A 409 21.20 9.42 -3.16
CA GLN A 409 20.54 8.11 -3.00
C GLN A 409 21.28 7.24 -1.98
N LEU A 410 20.52 6.53 -1.14
CA LEU A 410 21.05 5.67 -0.07
C LEU A 410 20.32 4.32 -0.05
N SER A 411 20.89 3.34 0.65
CA SER A 411 20.29 2.00 0.83
C SER A 411 20.09 1.28 -0.52
N ALA A 412 19.27 0.23 -0.54
CA ALA A 412 19.00 -0.58 -1.74
C ALA A 412 18.71 0.23 -3.02
N ARG A 413 19.49 -0.05 -4.08
CA ARG A 413 19.29 0.59 -5.38
C ARG A 413 18.18 -0.12 -6.13
N ASP A 414 17.49 0.64 -6.99
CA ASP A 414 16.43 0.11 -7.85
C ASP A 414 15.39 -0.65 -7.03
N LEU A 415 14.88 0.01 -5.99
CA LEU A 415 13.84 -0.61 -5.16
C LEU A 415 12.56 -0.66 -5.98
N THR A 416 12.16 -1.88 -6.34
CA THR A 416 10.90 -2.18 -7.01
C THR A 416 9.70 -1.39 -6.48
N TRP A 417 9.61 -1.27 -5.15
CA TRP A 417 8.52 -0.53 -4.46
C TRP A 417 8.50 0.94 -4.83
N SER A 418 9.67 1.56 -4.84
CA SER A 418 9.79 2.96 -5.23
C SER A 418 9.13 3.27 -6.58
N TYR A 419 9.30 2.37 -7.55
CA TYR A 419 8.75 2.56 -8.90
C TYR A 419 7.25 2.42 -8.92
N ALA A 420 6.75 1.42 -8.20
CA ALA A 420 5.31 1.20 -7.99
C ALA A 420 4.67 2.41 -7.29
N ALA A 421 5.35 2.95 -6.28
CA ALA A 421 4.89 4.17 -5.61
C ALA A 421 4.79 5.32 -6.60
N LEU A 422 5.77 5.45 -7.51
CA LEU A 422 5.71 6.45 -8.57
C LEU A 422 4.56 6.19 -9.55
N LEU A 423 4.46 4.96 -10.02
CA LEU A 423 3.42 4.62 -10.98
C LEU A 423 2.02 4.90 -10.41
N THR A 424 1.83 4.68 -9.11
CA THR A 424 0.54 4.90 -8.46
C THR A 424 0.23 6.38 -8.24
N ALA A 425 1.17 7.13 -7.66
CA ALA A 425 0.94 8.56 -7.42
C ALA A 425 0.62 9.30 -8.73
N ASN A 426 1.45 9.06 -9.74
CA ASN A 426 1.28 9.63 -11.09
C ASN A 426 -0.10 9.32 -11.66
N ASN A 427 -0.51 8.06 -11.56
CA ASN A 427 -1.83 7.62 -12.01
C ASN A 427 -2.93 8.49 -11.40
N ARG A 428 -2.88 8.64 -10.07
CA ARG A 428 -3.89 9.38 -9.29
C ARG A 428 -3.85 10.90 -9.55
N ARG A 429 -2.69 11.43 -9.92
CA ARG A 429 -2.57 12.79 -10.39
C ARG A 429 -3.33 13.00 -11.71
N ASN A 430 -3.32 11.99 -12.58
CA ASN A 430 -4.09 11.98 -13.84
C ASN A 430 -5.47 11.32 -13.69
N SER A 431 -6.06 11.37 -12.49
CA SER A 431 -7.36 10.77 -12.18
C SER A 431 -7.53 9.27 -12.54
N VAL A 432 -6.43 8.54 -12.63
CA VAL A 432 -6.50 7.10 -12.91
C VAL A 432 -6.60 6.38 -11.55
N VAL A 433 -7.59 5.51 -11.42
CA VAL A 433 -7.95 4.92 -10.13
C VAL A 433 -8.18 3.41 -10.25
N PRO A 434 -8.19 2.68 -9.12
CA PRO A 434 -8.45 1.26 -9.15
C PRO A 434 -9.91 0.91 -8.81
N ALA A 435 -10.36 -0.24 -9.29
CA ALA A 435 -11.70 -0.75 -9.01
C ALA A 435 -12.01 -0.71 -7.53
N SER A 436 -13.25 -0.36 -7.21
CA SER A 436 -13.70 -0.33 -5.83
C SER A 436 -13.61 -1.71 -5.21
N TRP A 437 -13.40 -1.73 -3.89
CA TRP A 437 -13.34 -2.97 -3.10
C TRP A 437 -14.65 -3.28 -2.35
N GLY A 438 -15.57 -2.31 -2.25
CA GLY A 438 -16.85 -2.46 -1.57
C GLY A 438 -17.00 -1.65 -0.29
N GLU A 439 -16.30 -0.53 -0.18
CA GLU A 439 -16.31 0.32 1.03
C GLU A 439 -17.72 0.76 1.42
N THR A 440 -18.55 1.08 0.42
CA THR A 440 -19.93 1.58 0.63
C THR A 440 -20.70 0.75 1.67
N SER A 441 -20.66 -0.57 1.52
CA SER A 441 -21.28 -1.53 2.46
C SER A 441 -20.49 -1.70 3.77
N ALA A 442 -19.15 -1.70 3.70
CA ALA A 442 -18.28 -1.91 4.87
C ALA A 442 -17.79 -0.60 5.48
N SER A 443 -18.72 0.17 6.02
CA SER A 443 -18.41 1.40 6.76
C SER A 443 -19.05 1.48 8.17
N SER A 444 -19.99 0.58 8.50
CA SER A 444 -20.67 0.60 9.80
C SER A 444 -19.78 0.00 10.89
N VAL A 445 -19.45 0.81 11.90
CA VAL A 445 -18.75 0.33 13.09
C VAL A 445 -19.74 -0.53 13.90
N PRO A 446 -19.33 -1.74 14.36
CA PRO A 446 -20.26 -2.55 15.16
C PRO A 446 -20.56 -2.00 16.56
N GLY A 447 -21.39 -2.73 17.30
CA GLY A 447 -21.76 -2.37 18.68
C GLY A 447 -20.61 -2.52 19.66
N THR A 448 -19.97 -3.69 19.64
CA THR A 448 -18.85 -4.00 20.53
C THR A 448 -17.76 -4.77 19.77
N CYS A 449 -16.49 -4.46 20.05
CA CYS A 449 -15.34 -5.07 19.37
C CYS A 449 -14.92 -6.37 20.05
N ALA A 450 -15.21 -7.50 19.41
CA ALA A 450 -14.96 -8.84 19.97
C ALA A 450 -13.63 -9.46 19.51
N ALA A 451 -12.66 -9.50 20.43
CA ALA A 451 -11.36 -10.13 20.19
C ALA A 451 -11.51 -11.62 19.86
N THR A 452 -11.78 -11.92 18.59
CA THR A 452 -12.17 -13.27 18.16
C THR A 452 -11.39 -13.69 16.90
N SER A 453 -11.62 -14.93 16.48
CA SER A 453 -11.12 -15.45 15.21
C SER A 453 -12.23 -16.20 14.46
N ALA A 454 -11.97 -16.53 13.21
CA ALA A 454 -12.77 -17.48 12.43
C ALA A 454 -11.82 -18.23 11.53
N ILE A 455 -12.22 -19.43 11.12
CA ILE A 455 -11.33 -20.36 10.44
C ILE A 455 -11.83 -20.57 9.01
N GLY A 456 -10.90 -20.81 8.09
CA GLY A 456 -11.21 -21.18 6.72
C GLY A 456 -10.80 -22.60 6.46
N THR A 457 -10.35 -22.85 5.23
CA THR A 457 -9.71 -24.11 4.83
C THR A 457 -8.30 -23.71 4.30
N TYR A 458 -7.36 -24.65 4.30
CA TYR A 458 -6.01 -24.42 3.78
C TYR A 458 -5.62 -25.58 2.91
N SER A 459 -5.47 -25.32 1.61
CA SER A 459 -5.25 -26.38 0.63
C SER A 459 -4.26 -25.89 -0.42
N SER A 460 -3.41 -26.80 -0.88
CA SER A 460 -2.27 -26.48 -1.73
C SER A 460 -2.64 -26.54 -3.21
N VAL A 461 -2.49 -25.42 -3.90
CA VAL A 461 -2.77 -25.35 -5.33
C VAL A 461 -1.57 -25.84 -6.14
N THR A 462 -1.78 -26.89 -6.91
CA THR A 462 -0.77 -27.38 -7.86
C THR A 462 -0.92 -26.58 -9.18
N VAL A 463 0.21 -26.19 -9.78
CA VAL A 463 0.23 -25.49 -11.07
C VAL A 463 -0.08 -26.55 -12.16
N THR A 464 -1.36 -26.88 -12.27
CA THR A 464 -1.82 -28.09 -12.99
C THR A 464 -1.59 -28.00 -14.50
N SER A 465 -2.19 -27.01 -15.14
CA SER A 465 -2.21 -26.87 -16.60
C SER A 465 -2.26 -25.37 -16.93
N TRP A 466 -2.71 -25.03 -18.14
CA TRP A 466 -3.24 -23.70 -18.44
C TRP A 466 -4.47 -23.87 -19.37
N PRO A 467 -5.70 -23.81 -18.80
CA PRO A 467 -6.94 -24.03 -19.57
C PRO A 467 -7.07 -23.18 -20.84
C1 NAG B . -7.67 -7.98 19.45
C2 NAG B . -6.69 -6.80 19.58
C3 NAG B . -7.05 -5.94 20.80
C4 NAG B . -8.45 -5.35 20.63
C5 NAG B . -9.42 -6.50 20.35
C6 NAG B . -10.80 -5.99 19.89
C7 NAG B . -4.58 -7.59 18.61
C8 NAG B . -3.13 -7.93 18.89
N2 NAG B . -5.29 -7.19 19.66
O3 NAG B . -6.05 -4.92 20.93
O4 NAG B . -8.87 -4.63 21.82
O5 NAG B . -8.96 -7.37 19.29
O6 NAG B . -11.50 -7.01 19.16
O7 NAG B . -5.05 -7.71 17.49
C1 NAG B . -8.52 -3.23 21.87
C2 NAG B . -9.24 -2.57 23.05
C3 NAG B . -8.94 -1.06 23.06
C4 NAG B . -7.46 -0.85 23.26
C5 NAG B . -6.74 -1.60 22.13
C6 NAG B . -5.23 -1.53 22.31
C7 NAG B . -11.27 -3.84 23.65
C8 NAG B . -12.76 -3.86 23.54
N2 NAG B . -10.67 -2.80 23.06
O3 NAG B . -9.63 -0.36 24.10
O4 NAG B . -7.21 0.57 23.28
O5 NAG B . -7.12 -2.98 22.08
O6 NAG B . -4.85 -2.26 23.48
O7 NAG B . -10.66 -4.71 24.24
C1 NAG C . 21.05 3.78 -14.21
C2 NAG C . 20.23 2.49 -14.26
C3 NAG C . 20.61 1.64 -13.04
C4 NAG C . 22.10 1.31 -13.14
C5 NAG C . 22.88 2.63 -13.14
C6 NAG C . 24.37 2.35 -13.22
C7 NAG C . 17.97 2.53 -15.35
C8 NAG C . 18.53 1.98 -16.64
N2 NAG C . 18.78 2.74 -14.30
O3 NAG C . 19.85 0.44 -12.99
O4 NAG C . 22.52 0.46 -12.06
O5 NAG C . 22.44 3.44 -14.24
O6 NAG C . 24.74 1.34 -12.27
O7 NAG C . 16.77 2.78 -15.29
C1 MAN D . -7.68 -28.34 -1.44
C2 MAN D . -7.47 -29.71 -2.07
C3 MAN D . -6.28 -29.68 -3.04
C4 MAN D . -6.40 -28.53 -4.04
C5 MAN D . -6.75 -27.21 -3.36
C6 MAN D . -7.02 -26.12 -4.40
O2 MAN D . -8.65 -30.15 -2.76
O3 MAN D . -6.18 -30.90 -3.79
O4 MAN D . -5.15 -28.42 -4.72
O5 MAN D . -7.88 -27.38 -2.50
O6 MAN D . -8.37 -26.15 -4.89
C1 MAN E . 0.98 -26.50 -1.98
C2 MAN E . 1.83 -26.36 -3.23
C3 MAN E . 2.55 -27.65 -3.58
C4 MAN E . 3.32 -28.18 -2.37
C5 MAN E . 2.39 -28.31 -1.16
C6 MAN E . 3.13 -28.73 0.11
O2 MAN E . 2.81 -25.33 -3.04
O3 MAN E . 3.44 -27.41 -4.67
O4 MAN E . 3.91 -29.45 -2.66
O5 MAN E . 1.74 -27.06 -0.90
O6 MAN E . 4.09 -27.72 0.45
#